data_3QZ7
#
_entry.id   3QZ7
#
_cell.length_a   98.708
_cell.length_b   102.461
_cell.length_c   52.743
_cell.angle_alpha   90.00
_cell.angle_beta   90.00
_cell.angle_gamma   90.00
#
_symmetry.space_group_name_H-M   'P 21 21 2'
#
loop_
_entity.id
_entity.type
_entity.pdbx_description
1 polymer 'DNA polymerase IV'
2 polymer "5'-D(*GP*GP*CP*AP*CP*TP*GP*AP*TP*CP*GP*GP*G)-3'"
3 polymer "5'-D(*TP*TP*AP*CP*GP*CP*CP*TP*CP*GP*AP*TP*CP*AP*GP*TP*GP*CP*C)-3'"
4 non-polymer "2'-DEOXYCYTIDINE-5'-TRIPHOSPHATE"
5 non-polymer 'CALCIUM ION'
6 water water
#
loop_
_entity_poly.entity_id
_entity_poly.type
_entity_poly.pdbx_seq_one_letter_code
_entity_poly.pdbx_strand_id
1 'polypeptide(L)'
;MIVLFVDFDYFYAQVEEVLNPSLKGKPVVVCVFSGRFEDSGAVATANYEARKFGVKAGIPIVEAKKILPNAVYLPMRKEV
YQQVSSRIMNLLREYSEKIEIASIDEAYLDISDKVRDYREAYNLGLEIKNKILEKEKITVTVGISKNKVFAKIAADMAKP
NGIKVIDDEEVKRLIRELDIADVPGIGNITAEKLKKLGINKLVDTLSIEFDKLKGMIGEAKAKYLISLARDEYNEPIRTR
VRKSIGRIVTMKRNSRNLEEIKPYLFRAIEESYYKLDKRIPKAIHVVAVTEDLDIVSRGRTFPHGISKETAYSESVKLLQ
KILEEDERKIRRIGVRFSKFIEAIGLDKFFDTGGHHHHHH
;
A
2 'polydeoxyribonucleotide' (DG)(DG)(DC)(DA)(DC)(DT)(DG)(DA)(DT)(DC)(DG)(DG)(DG) P
3 'polydeoxyribonucleotide' (DT)(DT)(DA)(DC)(DG)(DC)(DC)(DT)(DC)(DG)(DA)(DT)(DC)(DA)(DG)(DT)(DG)(DC)(DC) T
#
# COMPACT_ATOMS: atom_id res chain seq x y z
N MET A 1 -16.38 17.94 5.70
CA MET A 1 -16.19 18.42 4.31
C MET A 1 -16.74 17.42 3.29
N ILE A 2 -16.28 17.55 2.05
CA ILE A 2 -16.58 16.59 1.00
C ILE A 2 -15.26 16.02 0.47
N VAL A 3 -15.11 14.69 0.57
CA VAL A 3 -13.86 14.03 0.16
C VAL A 3 -14.12 13.10 -1.01
N LEU A 4 -13.28 13.23 -2.04
CA LEU A 4 -13.33 12.39 -3.24
C LEU A 4 -12.07 11.54 -3.34
N PHE A 5 -12.24 10.23 -3.21
CA PHE A 5 -11.17 9.24 -3.23
C PHE A 5 -11.19 8.50 -4.57
N VAL A 6 -10.02 8.28 -5.12
CA VAL A 6 -9.84 7.68 -6.43
C VAL A 6 -8.89 6.50 -6.30
N ASP A 7 -9.28 5.34 -6.82
CA ASP A 7 -8.50 4.13 -6.70
C ASP A 7 -8.44 3.41 -8.07
N PHE A 8 -7.25 3.27 -8.66
CA PHE A 8 -7.12 2.75 -10.03
C PHE A 8 -7.47 1.26 -10.05
N ASP A 9 -8.11 0.79 -11.12
CA ASP A 9 -8.60 -0.61 -11.17
C ASP A 9 -7.49 -1.57 -11.59
N TYR A 10 -7.47 -2.76 -10.97
CA TYR A 10 -6.40 -3.77 -11.15
C TYR A 10 -5.14 -3.14 -11.75
N PHE A 11 -4.57 -2.19 -11.04
CA PHE A 11 -3.68 -1.21 -11.69
C PHE A 11 -2.52 -1.78 -12.52
N TYR A 12 -1.65 -2.59 -11.92
CA TYR A 12 -0.50 -3.09 -12.65
C TYR A 12 -0.97 -3.87 -13.89
N ALA A 13 -1.86 -4.83 -13.69
CA ALA A 13 -2.36 -5.62 -14.82
C ALA A 13 -3.02 -4.72 -15.87
N GLN A 14 -3.74 -3.70 -15.42
CA GLN A 14 -4.41 -2.82 -16.40
C GLN A 14 -3.40 -2.00 -17.22
N VAL A 15 -2.30 -1.56 -16.60
CA VAL A 15 -1.27 -0.83 -17.36
C VAL A 15 -0.70 -1.77 -18.43
N GLU A 16 -0.46 -3.01 -18.07
CA GLU A 16 0.10 -3.95 -19.03
C GLU A 16 -0.88 -4.12 -20.21
N GLU A 17 -2.18 -4.13 -19.93
CA GLU A 17 -3.19 -4.22 -20.99
C GLU A 17 -3.20 -2.98 -21.87
N VAL A 18 -3.04 -1.80 -21.27
CA VAL A 18 -3.02 -0.58 -22.09
C VAL A 18 -1.81 -0.60 -23.03
N LEU A 19 -0.69 -1.15 -22.55
CA LEU A 19 0.54 -1.18 -23.35
C LEU A 19 0.52 -2.33 -24.36
N ASN A 20 -0.34 -3.32 -24.12
CA ASN A 20 -0.49 -4.44 -25.02
C ASN A 20 -1.95 -4.86 -25.00
N PRO A 21 -2.77 -4.19 -25.82
CA PRO A 21 -4.23 -4.39 -25.76
C PRO A 21 -4.67 -5.79 -26.18
N SER A 22 -3.76 -6.57 -26.79
CA SER A 22 -4.04 -7.97 -27.10
C SER A 22 -4.34 -8.77 -25.83
N LEU A 23 -3.88 -8.26 -24.68
CA LEU A 23 -4.12 -8.90 -23.37
C LEU A 23 -5.56 -8.79 -22.92
N LYS A 24 -6.29 -7.82 -23.45
CA LYS A 24 -7.69 -7.60 -23.06
C LYS A 24 -8.48 -8.89 -23.18
N GLY A 25 -9.28 -9.18 -22.16
CA GLY A 25 -10.16 -10.35 -22.17
C GLY A 25 -9.50 -11.65 -21.74
N LYS A 26 -8.17 -11.66 -21.67
CA LYS A 26 -7.43 -12.82 -21.18
C LYS A 26 -7.12 -12.64 -19.70
N PRO A 27 -6.96 -13.74 -18.97
CA PRO A 27 -6.56 -13.55 -17.59
C PRO A 27 -5.08 -13.17 -17.54
N VAL A 28 -4.76 -12.08 -16.83
CA VAL A 28 -3.39 -11.55 -16.77
C VAL A 28 -2.94 -11.54 -15.32
N VAL A 29 -1.73 -12.06 -15.06
CA VAL A 29 -1.20 -12.16 -13.71
C VAL A 29 0.20 -11.51 -13.66
N VAL A 30 0.32 -10.45 -12.88
CA VAL A 30 1.60 -9.76 -12.68
C VAL A 30 2.37 -10.36 -11.50
N CYS A 31 3.62 -10.74 -11.75
CA CYS A 31 4.37 -11.55 -10.80
C CYS A 31 5.69 -10.90 -10.35
N VAL A 32 6.08 -11.24 -9.13
CA VAL A 32 7.34 -10.83 -8.55
C VAL A 32 8.17 -12.09 -8.37
N PHE A 33 9.02 -12.36 -9.35
CA PHE A 33 9.91 -13.52 -9.33
C PHE A 33 11.14 -13.23 -8.47
N SER A 34 11.39 -14.09 -7.50
CA SER A 34 12.46 -13.87 -6.52
C SER A 34 13.83 -14.33 -7.03
N GLY A 35 13.86 -15.45 -7.75
CA GLY A 35 15.09 -15.87 -8.41
C GLY A 35 15.69 -17.15 -7.87
N ARG A 36 15.13 -17.66 -6.78
CA ARG A 36 15.61 -18.92 -6.21
C ARG A 36 15.51 -20.06 -7.23
N PHE A 37 14.40 -20.11 -7.95
CA PHE A 37 14.20 -21.13 -8.97
C PHE A 37 13.00 -20.80 -9.84
N GLU A 38 12.86 -21.51 -10.95
CA GLU A 38 11.71 -21.35 -11.83
C GLU A 38 10.40 -21.13 -11.04
N ASP A 39 9.80 -19.96 -11.24
CA ASP A 39 8.47 -19.65 -10.70
C ASP A 39 8.40 -19.41 -9.19
N SER A 40 9.53 -19.18 -8.53
CA SER A 40 9.49 -18.78 -7.14
C SER A 40 9.11 -17.31 -7.10
N GLY A 41 8.31 -16.93 -6.10
CA GLY A 41 7.87 -15.56 -6.00
C GLY A 41 6.38 -15.47 -5.78
N ALA A 42 5.86 -14.25 -5.82
CA ALA A 42 4.47 -13.98 -5.48
C ALA A 42 3.76 -13.14 -6.55
N VAL A 43 2.44 -13.24 -6.57
CA VAL A 43 1.61 -12.43 -7.45
C VAL A 43 1.45 -11.04 -6.83
N ALA A 44 1.76 -10.01 -7.61
CA ALA A 44 1.55 -8.63 -7.18
C ALA A 44 0.07 -8.29 -7.34
N THR A 45 -0.50 -8.64 -8.49
CA THR A 45 -1.94 -8.49 -8.73
C THR A 45 -2.34 -9.21 -10.00
N ALA A 46 -3.65 -9.33 -10.23
CA ALA A 46 -4.16 -10.01 -11.42
C ALA A 46 -5.40 -9.27 -11.86
N ASN A 47 -5.73 -9.32 -13.15
CA ASN A 47 -6.93 -8.65 -13.61
C ASN A 47 -8.14 -9.45 -13.16
N TYR A 48 -9.33 -8.98 -13.46
CA TYR A 48 -10.51 -9.62 -12.91
C TYR A 48 -10.76 -11.02 -13.51
N GLU A 49 -10.38 -11.21 -14.78
CA GLU A 49 -10.54 -12.52 -15.41
C GLU A 49 -9.77 -13.60 -14.65
N ALA A 50 -8.56 -13.27 -14.17
CA ALA A 50 -7.81 -14.21 -13.33
C ALA A 50 -8.30 -14.22 -11.89
N ARG A 51 -8.63 -13.04 -11.37
CA ARG A 51 -9.03 -12.92 -9.97
C ARG A 51 -10.33 -13.70 -9.72
N LYS A 52 -11.19 -13.75 -10.73
CA LYS A 52 -12.44 -14.53 -10.67
C LYS A 52 -12.17 -15.93 -10.13
N PHE A 53 -11.04 -16.51 -10.51
CA PHE A 53 -10.81 -17.92 -10.14
C PHE A 53 -9.93 -18.10 -8.94
N GLY A 54 -9.63 -17.02 -8.22
CA GLY A 54 -8.91 -17.12 -6.96
C GLY A 54 -7.43 -16.78 -7.07
N VAL A 55 -7.02 -16.22 -8.21
CA VAL A 55 -5.64 -15.76 -8.39
C VAL A 55 -5.53 -14.33 -7.89
N LYS A 56 -5.09 -14.15 -6.65
CA LYS A 56 -5.07 -12.81 -6.04
C LYS A 56 -3.69 -12.39 -5.51
N ALA A 57 -3.52 -11.09 -5.34
CA ALA A 57 -2.31 -10.52 -4.74
C ALA A 57 -1.78 -11.36 -3.56
N GLY A 58 -0.50 -11.61 -3.54
CA GLY A 58 0.13 -12.29 -2.42
C GLY A 58 0.32 -13.79 -2.56
N ILE A 59 -0.46 -14.47 -3.41
CA ILE A 59 -0.29 -15.92 -3.46
C ILE A 59 0.96 -16.31 -4.23
N PRO A 60 1.50 -17.51 -3.95
CA PRO A 60 2.69 -17.98 -4.65
C PRO A 60 2.39 -18.14 -6.13
N ILE A 61 3.36 -17.83 -6.98
CA ILE A 61 3.17 -17.95 -8.41
C ILE A 61 2.85 -19.40 -8.78
N VAL A 62 3.47 -20.32 -8.06
CA VAL A 62 3.23 -21.74 -8.30
C VAL A 62 1.77 -22.12 -8.02
N GLU A 63 1.14 -21.48 -7.04
CA GLU A 63 -0.25 -21.78 -6.72
C GLU A 63 -1.17 -21.21 -7.79
N ALA A 64 -0.84 -20.01 -8.27
CA ALA A 64 -1.56 -19.40 -9.36
C ALA A 64 -1.56 -20.30 -10.60
N LYS A 65 -0.40 -20.89 -10.92
CA LYS A 65 -0.26 -21.68 -12.14
C LYS A 65 -1.08 -22.97 -12.01
N LYS A 66 -1.10 -23.52 -10.81
CA LYS A 66 -1.95 -24.65 -10.49
C LYS A 66 -3.39 -24.33 -10.94
N ILE A 67 -3.87 -23.15 -10.57
CA ILE A 67 -5.24 -22.73 -10.83
C ILE A 67 -5.51 -22.35 -12.29
N LEU A 68 -4.64 -21.54 -12.89
CA LEU A 68 -4.82 -21.12 -14.28
C LEU A 68 -3.52 -21.29 -15.04
N PRO A 69 -3.18 -22.53 -15.42
CA PRO A 69 -1.87 -22.74 -16.05
C PRO A 69 -1.74 -22.07 -17.44
N ASN A 70 -2.83 -21.60 -18.03
CA ASN A 70 -2.76 -20.98 -19.35
C ASN A 70 -2.91 -19.45 -19.35
N ALA A 71 -2.85 -18.85 -18.16
CA ALA A 71 -2.95 -17.39 -18.06
C ALA A 71 -1.69 -16.74 -18.58
N VAL A 72 -1.73 -15.43 -18.79
CA VAL A 72 -0.52 -14.70 -19.15
C VAL A 72 0.17 -14.25 -17.87
N TYR A 73 1.37 -14.76 -17.62
CA TYR A 73 2.16 -14.37 -16.44
C TYR A 73 3.26 -13.39 -16.84
N LEU A 74 3.20 -12.17 -16.31
CA LEU A 74 4.12 -11.12 -16.70
C LEU A 74 4.96 -10.67 -15.50
N PRO A 75 6.26 -10.40 -15.72
CA PRO A 75 7.04 -9.85 -14.61
C PRO A 75 6.65 -8.40 -14.32
N MET A 76 6.60 -8.05 -13.04
CA MET A 76 6.27 -6.70 -12.59
C MET A 76 7.25 -5.69 -13.20
N ARG A 77 6.70 -4.65 -13.83
CA ARG A 77 7.51 -3.54 -14.35
C ARG A 77 7.16 -2.29 -13.56
N LYS A 78 7.64 -2.23 -12.32
CA LYS A 78 7.16 -1.23 -11.38
C LYS A 78 7.43 0.19 -11.88
N GLU A 79 8.60 0.39 -12.45
CA GLU A 79 8.96 1.73 -12.93
C GLU A 79 8.02 2.21 -14.04
N VAL A 80 7.50 1.30 -14.84
CA VAL A 80 6.47 1.66 -15.83
C VAL A 80 5.18 2.07 -15.14
N TYR A 81 4.70 1.26 -14.19
CA TYR A 81 3.45 1.62 -13.50
C TYR A 81 3.62 2.94 -12.76
N GLN A 82 4.80 3.17 -12.21
CA GLN A 82 5.05 4.37 -11.45
C GLN A 82 4.96 5.59 -12.36
N GLN A 83 5.49 5.49 -13.58
CA GLN A 83 5.39 6.59 -14.52
C GLN A 83 3.93 6.86 -14.94
N VAL A 84 3.19 5.81 -15.30
CA VAL A 84 1.78 5.98 -15.64
C VAL A 84 1.04 6.61 -14.48
N SER A 85 1.33 6.13 -13.26
CA SER A 85 0.66 6.63 -12.08
C SER A 85 0.95 8.13 -11.89
N SER A 86 2.21 8.52 -11.99
CA SER A 86 2.59 9.93 -11.83
C SER A 86 1.82 10.82 -12.79
N ARG A 87 1.53 10.32 -13.99
CA ARG A 87 0.82 11.13 -14.97
C ARG A 87 -0.64 11.31 -14.59
N ILE A 88 -1.27 10.25 -14.09
CA ILE A 88 -2.66 10.34 -13.66
C ILE A 88 -2.82 11.24 -12.43
N MET A 89 -1.85 11.20 -11.52
CA MET A 89 -1.89 12.06 -10.34
C MET A 89 -1.81 13.51 -10.79
N ASN A 90 -1.00 13.80 -11.80
CA ASN A 90 -0.95 15.16 -12.36
C ASN A 90 -2.30 15.60 -12.91
N LEU A 91 -3.07 14.66 -13.45
CA LEU A 91 -4.40 14.99 -13.91
C LEU A 91 -5.27 15.41 -12.72
N LEU A 92 -5.21 14.66 -11.63
CA LEU A 92 -6.06 14.91 -10.48
C LEU A 92 -5.75 16.25 -9.82
N ARG A 93 -4.51 16.70 -9.94
CA ARG A 93 -4.11 17.97 -9.34
C ARG A 93 -4.95 19.15 -9.85
N GLU A 94 -5.56 19.00 -11.01
CA GLU A 94 -6.31 20.08 -11.63
C GLU A 94 -7.72 20.22 -11.04
N TYR A 95 -8.12 19.28 -10.20
CA TYR A 95 -9.47 19.26 -9.66
C TYR A 95 -9.53 19.68 -8.19
N SER A 96 -8.36 19.92 -7.59
CA SER A 96 -8.32 20.36 -6.20
C SER A 96 -6.89 20.66 -5.76
N GLU A 97 -6.72 21.79 -5.09
CA GLU A 97 -5.42 22.19 -4.57
C GLU A 97 -5.02 21.30 -3.40
N LYS A 98 -6.00 20.68 -2.75
CA LYS A 98 -5.74 19.79 -1.63
C LYS A 98 -5.89 18.33 -2.07
N ILE A 99 -4.76 17.68 -2.31
CA ILE A 99 -4.75 16.30 -2.75
C ILE A 99 -3.75 15.52 -1.91
N GLU A 100 -4.12 14.30 -1.52
CA GLU A 100 -3.25 13.42 -0.75
C GLU A 100 -3.00 12.16 -1.56
N ILE A 101 -1.80 11.99 -2.07
CA ILE A 101 -1.45 10.80 -2.83
C ILE A 101 -1.08 9.69 -1.85
N ALA A 102 -1.98 8.72 -1.70
CA ALA A 102 -1.85 7.73 -0.63
C ALA A 102 -0.96 6.55 -0.99
N SER A 103 -0.83 6.28 -2.28
CA SER A 103 -0.04 5.15 -2.73
C SER A 103 0.07 5.23 -4.24
N ILE A 104 0.61 4.18 -4.84
CA ILE A 104 0.88 4.24 -6.28
C ILE A 104 -0.41 4.32 -7.08
N ASP A 105 -1.54 3.86 -6.53
CA ASP A 105 -2.78 3.92 -7.28
C ASP A 105 -3.99 4.53 -6.53
N GLU A 106 -3.76 5.38 -5.52
CA GLU A 106 -4.87 5.97 -4.76
C GLU A 106 -4.57 7.40 -4.43
N ALA A 107 -5.58 8.25 -4.46
CA ALA A 107 -5.41 9.62 -4.01
C ALA A 107 -6.72 10.17 -3.46
N TYR A 108 -6.62 11.00 -2.43
CA TYR A 108 -7.79 11.69 -1.88
C TYR A 108 -7.77 13.16 -2.30
N LEU A 109 -8.94 13.71 -2.61
CA LEU A 109 -9.06 15.14 -2.91
C LEU A 109 -10.10 15.74 -1.99
N ASP A 110 -9.77 16.87 -1.39
CA ASP A 110 -10.75 17.62 -0.63
C ASP A 110 -11.43 18.55 -1.61
N ILE A 111 -12.69 18.30 -1.92
CA ILE A 111 -13.41 19.11 -2.91
C ILE A 111 -14.51 19.97 -2.28
N SER A 112 -14.30 20.36 -1.03
CA SER A 112 -15.28 21.19 -0.32
C SER A 112 -15.49 22.53 -1.01
N ASP A 113 -14.38 23.15 -1.45
CA ASP A 113 -14.43 24.45 -2.12
C ASP A 113 -14.77 24.35 -3.60
N LYS A 114 -15.24 23.19 -4.05
CA LYS A 114 -15.45 23.00 -5.48
C LYS A 114 -16.86 22.53 -5.80
N VAL A 115 -17.64 22.24 -4.75
CA VAL A 115 -19.00 21.74 -4.93
C VAL A 115 -19.85 22.01 -3.67
N ARG A 116 -21.17 22.12 -3.85
CA ARG A 116 -22.07 22.47 -2.75
C ARG A 116 -22.65 21.24 -2.08
N ASP A 117 -22.93 20.20 -2.87
CA ASP A 117 -23.57 19.01 -2.33
C ASP A 117 -23.03 17.75 -3.02
N TYR A 118 -23.58 16.60 -2.62
CA TYR A 118 -23.14 15.31 -3.15
C TYR A 118 -23.55 15.11 -4.60
N ARG A 119 -24.73 15.61 -4.97
CA ARG A 119 -25.16 15.59 -6.37
C ARG A 119 -24.03 16.16 -7.24
N GLU A 120 -23.46 17.29 -6.80
CA GLU A 120 -22.42 17.98 -7.57
C GLU A 120 -21.08 17.26 -7.48
N ALA A 121 -20.82 16.61 -6.35
CA ALA A 121 -19.59 15.87 -6.18
C ALA A 121 -19.61 14.65 -7.11
N TYR A 122 -20.73 13.95 -7.13
CA TYR A 122 -20.93 12.82 -8.02
C TYR A 122 -20.56 13.22 -9.45
N ASN A 123 -21.08 14.36 -9.91
CA ASN A 123 -20.82 14.83 -11.27
C ASN A 123 -19.35 15.13 -11.47
N LEU A 124 -18.67 15.55 -10.40
CA LEU A 124 -17.26 15.88 -10.49
C LEU A 124 -16.41 14.61 -10.58
N GLY A 125 -16.89 13.56 -9.94
CA GLY A 125 -16.23 12.26 -10.00
C GLY A 125 -16.34 11.64 -11.37
N LEU A 126 -17.54 11.69 -11.96
CA LEU A 126 -17.75 11.21 -13.31
C LEU A 126 -16.82 11.94 -14.26
N GLU A 127 -16.70 13.26 -14.08
CA GLU A 127 -15.81 14.07 -14.89
C GLU A 127 -14.36 13.59 -14.80
N ILE A 128 -13.92 13.27 -13.58
CA ILE A 128 -12.55 12.83 -13.37
C ILE A 128 -12.31 11.48 -14.03
N LYS A 129 -13.25 10.57 -13.85
CA LYS A 129 -13.17 9.25 -14.47
C LYS A 129 -12.97 9.40 -15.98
N ASN A 130 -13.80 10.23 -16.59
CA ASN A 130 -13.75 10.42 -18.03
C ASN A 130 -12.45 11.09 -18.48
N LYS A 131 -11.93 12.00 -17.66
CA LYS A 131 -10.66 12.64 -17.99
C LYS A 131 -9.50 11.64 -17.94
N ILE A 132 -9.51 10.72 -16.97
CA ILE A 132 -8.44 9.74 -16.86
C ILE A 132 -8.52 8.71 -17.98
N LEU A 133 -9.74 8.32 -18.34
CA LEU A 133 -9.92 7.38 -19.45
C LEU A 133 -9.53 8.08 -20.76
N GLU A 134 -9.78 9.37 -20.84
CA GLU A 134 -9.48 10.13 -22.04
C GLU A 134 -7.96 10.20 -22.26
N LYS A 135 -7.24 10.62 -21.24
CA LYS A 135 -5.82 10.92 -21.40
C LYS A 135 -4.95 9.67 -21.32
N GLU A 136 -5.36 8.67 -20.56
CA GLU A 136 -4.49 7.53 -20.27
C GLU A 136 -5.12 6.16 -20.54
N LYS A 137 -6.44 6.15 -20.80
CA LYS A 137 -7.16 4.92 -21.13
C LYS A 137 -7.20 3.94 -19.95
N ILE A 138 -7.08 4.49 -18.74
CA ILE A 138 -7.12 3.72 -17.50
C ILE A 138 -8.50 3.92 -16.83
N THR A 139 -9.16 2.83 -16.44
CA THR A 139 -10.37 2.96 -15.64
C THR A 139 -10.05 3.01 -14.13
N VAL A 140 -10.89 3.71 -13.37
CA VAL A 140 -10.71 3.85 -11.94
C VAL A 140 -12.05 3.84 -11.23
N THR A 141 -12.01 3.81 -9.90
CA THR A 141 -13.22 3.83 -9.09
C THR A 141 -13.19 5.02 -8.14
N VAL A 142 -14.35 5.66 -7.98
CA VAL A 142 -14.46 6.88 -7.19
C VAL A 142 -15.40 6.64 -6.02
N GLY A 143 -14.95 7.03 -4.83
CA GLY A 143 -15.75 6.98 -3.63
C GLY A 143 -15.85 8.40 -3.08
N ILE A 144 -17.05 8.77 -2.64
CA ILE A 144 -17.30 10.11 -2.11
C ILE A 144 -18.09 10.04 -0.81
N SER A 145 -17.67 10.82 0.17
CA SER A 145 -18.35 10.91 1.46
C SER A 145 -17.79 12.06 2.30
N LYS A 146 -18.07 12.07 3.60
CA LYS A 146 -17.76 13.22 4.43
C LYS A 146 -16.35 13.19 5.03
N ASN A 147 -15.70 12.03 5.01
CA ASN A 147 -14.29 11.93 5.43
C ASN A 147 -13.49 10.90 4.63
N LYS A 148 -12.18 10.84 4.91
CA LYS A 148 -11.30 9.94 4.18
C LYS A 148 -11.72 8.48 4.31
N VAL A 149 -12.09 8.06 5.52
CA VAL A 149 -12.41 6.66 5.78
C VAL A 149 -13.62 6.19 4.99
N PHE A 150 -14.73 6.92 5.09
CA PHE A 150 -15.94 6.52 4.39
C PHE A 150 -15.85 6.73 2.89
N ALA A 151 -15.01 7.66 2.44
CA ALA A 151 -14.75 7.80 1.01
C ALA A 151 -14.08 6.55 0.47
N LYS A 152 -13.11 6.01 1.22
CA LYS A 152 -12.43 4.78 0.81
C LYS A 152 -13.40 3.60 0.84
N ILE A 153 -14.23 3.53 1.88
CA ILE A 153 -15.25 2.48 1.95
C ILE A 153 -16.19 2.56 0.75
N ALA A 154 -16.49 3.77 0.30
CA ALA A 154 -17.38 3.95 -0.85
C ALA A 154 -16.76 3.32 -2.08
N ALA A 155 -15.50 3.67 -2.35
CA ALA A 155 -14.82 3.16 -3.54
C ALA A 155 -14.72 1.64 -3.46
N ASP A 156 -14.46 1.12 -2.27
CA ASP A 156 -14.44 -0.31 -2.07
C ASP A 156 -15.74 -0.92 -2.53
N MET A 157 -16.86 -0.27 -2.22
CA MET A 157 -18.18 -0.83 -2.45
C MET A 157 -18.53 -0.83 -3.92
N ALA A 158 -17.91 0.07 -4.69
CA ALA A 158 -18.28 0.32 -6.07
C ALA A 158 -17.31 -0.25 -7.11
N LYS A 159 -16.15 -0.75 -6.71
CA LYS A 159 -15.22 -1.25 -7.72
C LYS A 159 -15.75 -2.59 -8.27
N PRO A 160 -15.52 -2.86 -9.56
CA PRO A 160 -14.63 -2.12 -10.45
C PRO A 160 -15.32 -1.01 -11.22
N ASN A 161 -14.51 -0.18 -11.89
CA ASN A 161 -15.01 0.90 -12.73
C ASN A 161 -16.30 1.45 -12.18
N GLY A 162 -16.24 2.00 -10.97
CA GLY A 162 -17.42 2.46 -10.27
C GLY A 162 -17.36 3.89 -9.77
N ILE A 163 -18.47 4.29 -9.17
CA ILE A 163 -18.58 5.56 -8.46
C ILE A 163 -19.74 5.44 -7.48
N LYS A 164 -19.53 5.87 -6.25
CA LYS A 164 -20.57 5.77 -5.23
C LYS A 164 -20.46 6.87 -4.18
N VAL A 165 -21.62 7.37 -3.75
CA VAL A 165 -21.68 8.29 -2.63
C VAL A 165 -22.20 7.57 -1.39
N ILE A 166 -21.56 7.83 -0.26
CA ILE A 166 -22.07 7.45 1.04
C ILE A 166 -22.50 8.72 1.76
N ASP A 167 -23.81 8.99 1.78
CA ASP A 167 -24.31 10.21 2.38
C ASP A 167 -24.41 10.08 3.91
N ASP A 168 -24.84 11.15 4.56
CA ASP A 168 -24.89 11.20 6.02
C ASP A 168 -25.76 10.10 6.62
N GLU A 169 -26.96 9.92 6.10
CA GLU A 169 -27.81 8.87 6.64
C GLU A 169 -27.13 7.49 6.47
N GLU A 170 -26.48 7.27 5.34
CA GLU A 170 -25.85 5.98 5.08
C GLU A 170 -24.62 5.81 5.96
N VAL A 171 -23.95 6.91 6.28
CA VAL A 171 -22.83 6.86 7.21
C VAL A 171 -23.36 6.40 8.57
N LYS A 172 -24.47 7.00 9.01
CA LYS A 172 -25.08 6.61 10.26
C LYS A 172 -25.53 5.15 10.17
N ARG A 173 -25.94 4.74 8.97
CA ARG A 173 -26.33 3.35 8.74
C ARG A 173 -25.13 2.42 8.91
N LEU A 174 -24.00 2.78 8.29
CA LEU A 174 -22.81 1.94 8.28
C LEU A 174 -22.21 1.80 9.68
N ILE A 175 -22.28 2.88 10.47
CA ILE A 175 -21.77 2.81 11.83
C ILE A 175 -22.51 1.69 12.58
N ARG A 176 -23.78 1.50 12.25
CA ARG A 176 -24.60 0.45 12.86
C ARG A 176 -24.34 -0.92 12.23
N GLU A 177 -24.35 -0.97 10.91
CA GLU A 177 -24.45 -2.24 10.17
C GLU A 177 -23.12 -2.85 9.71
N LEU A 178 -22.23 -2.03 9.16
CA LEU A 178 -20.97 -2.52 8.58
C LEU A 178 -20.09 -3.21 9.62
N ASP A 179 -19.55 -4.38 9.27
CA ASP A 179 -18.66 -5.13 10.15
C ASP A 179 -17.31 -4.40 10.37
N ILE A 180 -16.83 -4.34 11.62
CA ILE A 180 -15.58 -3.61 11.92
C ILE A 180 -14.41 -4.07 11.06
N ALA A 181 -14.40 -5.36 10.71
CA ALA A 181 -13.33 -5.91 9.90
C ALA A 181 -13.23 -5.20 8.55
N ASP A 182 -14.35 -4.64 8.11
CA ASP A 182 -14.39 -3.91 6.84
C ASP A 182 -13.97 -2.44 6.98
N VAL A 183 -13.75 -2.00 8.22
CA VAL A 183 -13.29 -0.63 8.44
C VAL A 183 -11.79 -0.52 8.22
N PRO A 184 -11.38 0.40 7.33
CA PRO A 184 -9.95 0.63 7.09
C PRO A 184 -9.14 0.71 8.39
N GLY A 185 -8.08 -0.09 8.48
CA GLY A 185 -7.20 -0.07 9.64
C GLY A 185 -7.44 -1.18 10.64
N ILE A 186 -8.40 -2.06 10.37
CA ILE A 186 -8.59 -3.25 11.20
C ILE A 186 -8.18 -4.49 10.40
N GLY A 187 -7.08 -5.11 10.80
CA GLY A 187 -6.56 -6.29 10.11
C GLY A 187 -6.88 -7.55 10.88
N ASN A 188 -6.44 -8.70 10.40
CA ASN A 188 -6.77 -9.96 11.05
C ASN A 188 -6.46 -9.95 12.54
N ILE A 189 -5.29 -9.43 12.91
CA ILE A 189 -4.86 -9.43 14.31
C ILE A 189 -5.75 -8.55 15.22
N THR A 190 -6.14 -7.36 14.75
CA THR A 190 -6.95 -6.46 15.57
C THR A 190 -8.42 -6.88 15.52
N ALA A 191 -8.85 -7.37 14.36
CA ALA A 191 -10.22 -7.83 14.17
C ALA A 191 -10.59 -8.93 15.17
N GLU A 192 -9.65 -9.82 15.43
CA GLU A 192 -9.91 -10.96 16.31
C GLU A 192 -9.66 -10.62 17.78
N LYS A 193 -8.95 -9.52 18.02
CA LYS A 193 -8.86 -8.99 19.39
C LYS A 193 -10.16 -8.27 19.71
N LEU A 194 -10.86 -7.84 18.67
CA LEU A 194 -12.14 -7.15 18.84
C LEU A 194 -13.26 -8.17 19.04
N LYS A 195 -13.29 -9.19 18.18
CA LYS A 195 -14.24 -10.29 18.32
C LYS A 195 -14.16 -10.85 19.74
N LYS A 196 -12.95 -10.91 20.26
CA LYS A 196 -12.67 -11.49 21.58
C LYS A 196 -13.09 -10.53 22.70
N LEU A 197 -13.38 -9.28 22.35
CA LEU A 197 -14.00 -8.34 23.28
C LEU A 197 -15.51 -8.29 23.04
N GLY A 198 -15.95 -8.89 21.94
CA GLY A 198 -17.35 -8.91 21.57
C GLY A 198 -17.67 -7.86 20.53
N ILE A 199 -16.79 -6.88 20.39
CA ILE A 199 -16.98 -5.80 19.43
C ILE A 199 -17.00 -6.34 18.01
N ASN A 200 -18.02 -5.93 17.27
CA ASN A 200 -18.25 -6.46 15.92
C ASN A 200 -18.87 -5.43 14.98
N LYS A 201 -19.41 -4.35 15.55
CA LYS A 201 -19.87 -3.20 14.78
C LYS A 201 -19.28 -1.93 15.44
N LEU A 202 -19.12 -0.86 14.68
CA LEU A 202 -18.51 0.36 15.22
C LEU A 202 -19.19 0.87 16.49
N VAL A 203 -20.51 0.85 16.52
CA VAL A 203 -21.24 1.40 17.66
C VAL A 203 -20.84 0.77 18.98
N ASP A 204 -20.39 -0.49 18.92
CA ASP A 204 -20.06 -1.23 20.13
C ASP A 204 -18.87 -0.63 20.87
N THR A 205 -17.98 0.04 20.14
CA THR A 205 -16.81 0.66 20.75
C THR A 205 -17.23 1.75 21.72
N LEU A 206 -18.44 2.26 21.55
CA LEU A 206 -18.92 3.36 22.38
C LEU A 206 -19.53 2.91 23.71
N SER A 207 -19.86 1.62 23.82
CA SER A 207 -20.45 1.10 25.05
C SER A 207 -19.39 0.42 25.93
N ILE A 208 -18.41 -0.21 25.30
CA ILE A 208 -17.26 -0.75 26.03
C ILE A 208 -16.56 0.43 26.68
N GLU A 209 -16.03 0.24 27.89
CA GLU A 209 -15.34 1.34 28.55
C GLU A 209 -13.92 1.42 28.01
N PHE A 210 -13.42 2.65 27.91
CA PHE A 210 -12.24 2.94 27.12
C PHE A 210 -11.07 1.96 27.34
N ASP A 211 -10.77 1.64 28.59
CA ASP A 211 -9.55 0.90 28.89
C ASP A 211 -9.58 -0.57 28.48
N LYS A 212 -10.76 -1.17 28.39
CA LYS A 212 -10.85 -2.52 27.85
C LYS A 212 -10.48 -2.44 26.38
N LEU A 213 -10.85 -1.32 25.76
CA LEU A 213 -10.53 -1.07 24.36
C LEU A 213 -9.05 -0.72 24.20
N LYS A 214 -8.64 0.39 24.79
CA LYS A 214 -7.25 0.82 24.76
C LYS A 214 -6.33 -0.32 25.16
N GLY A 215 -6.63 -0.94 26.29
CA GLY A 215 -5.83 -2.04 26.80
C GLY A 215 -5.56 -3.11 25.76
N MET A 216 -6.58 -3.45 24.97
CA MET A 216 -6.49 -4.60 24.08
C MET A 216 -6.02 -4.26 22.67
N ILE A 217 -6.37 -3.08 22.17
CA ILE A 217 -6.02 -2.71 20.78
C ILE A 217 -5.10 -1.49 20.70
N GLY A 218 -5.01 -0.74 21.80
CA GLY A 218 -4.12 0.40 21.85
C GLY A 218 -4.83 1.74 21.90
N GLU A 219 -4.16 2.74 22.47
CA GLU A 219 -4.74 4.07 22.59
C GLU A 219 -5.16 4.64 21.23
N ALA A 220 -4.22 4.67 20.29
CA ALA A 220 -4.45 5.24 18.97
C ALA A 220 -5.61 4.57 18.23
N LYS A 221 -5.60 3.25 18.14
CA LYS A 221 -6.66 2.56 17.39
C LYS A 221 -8.01 2.70 18.09
N ALA A 222 -7.99 2.81 19.42
CA ALA A 222 -9.23 2.97 20.18
C ALA A 222 -9.84 4.33 19.89
N LYS A 223 -9.02 5.37 19.96
CA LYS A 223 -9.47 6.73 19.69
C LYS A 223 -10.02 6.82 18.29
N TYR A 224 -9.28 6.26 17.35
CA TYR A 224 -9.67 6.20 15.95
C TYR A 224 -11.08 5.62 15.81
N LEU A 225 -11.27 4.41 16.34
CA LEU A 225 -12.55 3.71 16.18
C LEU A 225 -13.68 4.47 16.86
N ILE A 226 -13.41 4.98 18.05
CA ILE A 226 -14.43 5.73 18.77
C ILE A 226 -14.83 6.99 17.99
N SER A 227 -13.86 7.70 17.41
CA SER A 227 -14.19 8.91 16.64
C SER A 227 -15.01 8.58 15.40
N LEU A 228 -14.74 7.43 14.79
CA LEU A 228 -15.54 7.04 13.63
C LEU A 228 -16.95 6.76 14.10
N ALA A 229 -17.06 6.10 15.26
CA ALA A 229 -18.36 5.64 15.74
C ALA A 229 -19.23 6.81 16.18
N ARG A 230 -18.60 7.90 16.62
CA ARG A 230 -19.32 9.12 17.02
C ARG A 230 -19.59 10.00 15.81
N ASP A 231 -19.21 9.54 14.63
CA ASP A 231 -19.40 10.34 13.42
C ASP A 231 -18.64 11.66 13.55
N GLU A 232 -17.48 11.61 14.21
CA GLU A 232 -16.68 12.81 14.44
C GLU A 232 -15.27 12.69 13.84
N TYR A 233 -15.05 11.66 13.04
CA TYR A 233 -13.74 11.48 12.42
C TYR A 233 -13.47 12.62 11.46
N ASN A 234 -12.41 13.35 11.75
CA ASN A 234 -11.96 14.42 10.90
C ASN A 234 -10.45 14.34 10.84
N GLU A 235 -9.96 14.22 9.61
CA GLU A 235 -8.54 14.16 9.36
C GLU A 235 -8.38 14.85 8.03
N PRO A 236 -7.57 15.90 7.98
CA PRO A 236 -7.49 16.64 6.73
C PRO A 236 -6.69 15.90 5.67
N ILE A 237 -6.98 16.22 4.41
CA ILE A 237 -6.14 15.79 3.31
C ILE A 237 -4.82 16.53 3.40
N ARG A 238 -3.73 15.79 3.56
CA ARG A 238 -2.41 16.41 3.67
C ARG A 238 -1.47 15.81 2.64
N THR A 239 -0.60 16.64 2.08
CA THR A 239 0.39 16.18 1.12
C THR A 239 1.31 15.23 1.86
N ARG A 240 1.65 14.10 1.23
CA ARG A 240 2.50 13.11 1.89
C ARG A 240 3.97 13.29 1.55
N VAL A 241 4.81 13.05 2.53
CA VAL A 241 6.24 13.22 2.36
C VAL A 241 6.87 11.85 2.49
N ARG A 242 7.62 11.42 1.49
CA ARG A 242 8.35 10.15 1.60
C ARG A 242 9.29 10.21 2.80
N LYS A 243 9.16 9.23 3.68
CA LYS A 243 9.95 9.16 4.89
C LYS A 243 11.08 8.16 4.79
N SER A 244 10.96 7.18 3.90
CA SER A 244 12.07 6.24 3.72
C SER A 244 12.12 5.68 2.32
N ILE A 245 13.30 5.19 1.94
CA ILE A 245 13.58 4.66 0.61
C ILE A 245 14.61 3.56 0.79
N GLY A 246 14.38 2.43 0.14
CA GLY A 246 15.20 1.27 0.39
C GLY A 246 15.05 0.20 -0.67
N ARG A 247 15.62 -0.96 -0.38
CA ARG A 247 15.62 -2.09 -1.31
C ARG A 247 16.03 -3.29 -0.49
N ILE A 248 15.28 -4.37 -0.65
CA ILE A 248 15.55 -5.62 0.02
C ILE A 248 15.45 -6.70 -1.06
N VAL A 249 16.48 -7.53 -1.17
CA VAL A 249 16.54 -8.55 -2.20
C VAL A 249 16.59 -9.92 -1.55
N THR A 250 16.26 -10.94 -2.34
CA THR A 250 16.27 -12.30 -1.86
C THR A 250 17.59 -12.97 -2.24
N MET A 251 18.19 -13.67 -1.29
CA MET A 251 19.42 -14.39 -1.57
C MET A 251 19.13 -15.74 -2.18
N LYS A 252 20.09 -16.28 -2.92
CA LYS A 252 19.91 -17.55 -3.62
C LYS A 252 19.69 -18.69 -2.64
N ARG A 253 20.17 -18.51 -1.41
CA ARG A 253 20.01 -19.51 -0.36
C ARG A 253 20.25 -18.89 1.01
N ASN A 254 19.44 -19.27 1.99
CA ASN A 254 19.64 -18.79 3.36
C ASN A 254 21.12 -18.86 3.70
N SER A 255 21.57 -17.99 4.59
CA SER A 255 22.97 -17.96 5.00
C SER A 255 23.15 -17.03 6.18
N ARG A 256 24.19 -17.28 6.97
CA ARG A 256 24.68 -16.27 7.91
C ARG A 256 26.20 -16.05 7.78
N ASN A 257 26.75 -16.37 6.62
CA ASN A 257 28.13 -16.02 6.28
C ASN A 257 28.22 -14.56 5.81
N LEU A 258 29.04 -13.75 6.46
CA LEU A 258 29.11 -12.34 6.12
C LEU A 258 29.55 -12.12 4.68
N GLU A 259 30.56 -12.87 4.22
CA GLU A 259 31.09 -12.65 2.88
C GLU A 259 30.11 -13.10 1.80
N GLU A 260 29.20 -13.99 2.15
CA GLU A 260 28.19 -14.44 1.19
C GLU A 260 27.04 -13.41 1.11
N ILE A 261 26.64 -12.88 2.27
CA ILE A 261 25.57 -11.91 2.32
C ILE A 261 26.00 -10.58 1.68
N LYS A 262 27.26 -10.22 1.86
CA LYS A 262 27.76 -8.91 1.47
C LYS A 262 27.42 -8.44 0.06
N PRO A 263 27.56 -9.32 -0.95
CA PRO A 263 27.24 -8.90 -2.33
C PRO A 263 25.78 -8.50 -2.54
N TYR A 264 24.86 -9.11 -1.80
CA TYR A 264 23.45 -8.74 -1.90
C TYR A 264 23.22 -7.41 -1.20
N LEU A 265 23.92 -7.21 -0.08
CA LEU A 265 23.73 -5.99 0.69
C LEU A 265 24.21 -4.79 -0.12
N PHE A 266 25.34 -4.95 -0.81
CA PHE A 266 25.92 -3.85 -1.57
C PHE A 266 25.10 -3.58 -2.82
N ARG A 267 24.51 -4.62 -3.39
CA ARG A 267 23.61 -4.39 -4.51
C ARG A 267 22.37 -3.62 -4.02
N ALA A 268 21.92 -3.93 -2.82
CA ALA A 268 20.75 -3.23 -2.28
C ALA A 268 21.08 -1.77 -2.03
N ILE A 269 22.31 -1.51 -1.59
CA ILE A 269 22.75 -0.14 -1.39
C ILE A 269 22.83 0.61 -2.71
N GLU A 270 23.42 -0.02 -3.73
CA GLU A 270 23.54 0.59 -5.05
C GLU A 270 22.16 0.96 -5.58
N GLU A 271 21.26 -0.02 -5.62
CA GLU A 271 19.92 0.26 -6.12
C GLU A 271 19.22 1.31 -5.25
N SER A 272 19.51 1.33 -3.95
CA SER A 272 18.90 2.32 -3.08
C SER A 272 19.36 3.75 -3.37
N TYR A 273 20.64 3.94 -3.66
CA TYR A 273 21.11 5.28 -4.03
C TYR A 273 20.54 5.75 -5.35
N TYR A 274 20.33 4.83 -6.27
CA TYR A 274 19.68 5.20 -7.52
C TYR A 274 18.30 5.77 -7.21
N LYS A 275 17.54 5.08 -6.35
CA LYS A 275 16.19 5.54 -6.02
C LYS A 275 16.18 6.84 -5.22
N LEU A 276 17.21 7.06 -4.39
CA LEU A 276 17.27 8.26 -3.57
C LEU A 276 17.32 9.49 -4.47
N ASP A 277 18.05 9.35 -5.57
CA ASP A 277 18.25 10.46 -6.51
C ASP A 277 18.96 11.62 -5.80
N LYS A 278 18.25 12.71 -5.53
CA LYS A 278 18.88 13.89 -4.95
C LYS A 278 18.67 13.96 -3.44
N ARG A 279 17.84 13.08 -2.90
CA ARG A 279 17.61 13.05 -1.47
C ARG A 279 18.84 12.52 -0.75
N ILE A 280 19.27 13.25 0.26
CA ILE A 280 20.42 12.82 1.06
C ILE A 280 19.93 12.36 2.42
N PRO A 281 20.15 11.08 2.74
CA PRO A 281 19.65 10.59 4.03
C PRO A 281 20.67 10.78 5.16
N LYS A 282 20.20 10.93 6.39
CA LYS A 282 21.07 10.99 7.56
C LYS A 282 20.99 9.70 8.35
N ALA A 283 20.04 8.83 8.00
CA ALA A 283 19.87 7.55 8.70
C ALA A 283 19.88 6.36 7.75
N ILE A 284 20.46 5.26 8.21
CA ILE A 284 20.52 4.05 7.42
C ILE A 284 20.18 2.86 8.31
N HIS A 285 19.42 1.91 7.77
CA HIS A 285 19.01 0.72 8.49
C HIS A 285 19.35 -0.48 7.63
N VAL A 286 20.01 -1.47 8.21
CA VAL A 286 20.11 -2.74 7.53
C VAL A 286 18.90 -3.54 7.99
N VAL A 287 18.25 -4.23 7.05
CA VAL A 287 17.02 -4.96 7.32
C VAL A 287 17.21 -6.38 6.85
N ALA A 288 16.98 -7.34 7.74
CA ALA A 288 17.10 -8.75 7.43
C ALA A 288 15.76 -9.47 7.59
N VAL A 289 15.40 -10.29 6.62
CA VAL A 289 14.24 -11.15 6.75
C VAL A 289 14.80 -12.52 7.03
N THR A 290 14.42 -13.11 8.17
CA THR A 290 14.91 -14.43 8.56
C THR A 290 14.25 -15.55 7.77
N GLU A 291 14.77 -16.77 7.93
CA GLU A 291 14.24 -17.94 7.22
C GLU A 291 12.78 -18.21 7.58
N ASP A 292 12.39 -17.84 8.80
CA ASP A 292 11.02 -17.99 9.24
C ASP A 292 10.20 -16.72 8.97
N LEU A 293 10.70 -15.91 8.05
CA LEU A 293 10.01 -14.71 7.56
C LEU A 293 9.81 -13.60 8.60
N ASP A 294 10.53 -13.66 9.70
CA ASP A 294 10.53 -12.54 10.63
C ASP A 294 11.39 -11.42 10.06
N ILE A 295 11.33 -10.24 10.66
CA ILE A 295 12.11 -9.11 10.22
C ILE A 295 12.92 -8.52 11.36
N VAL A 296 14.24 -8.46 11.17
CA VAL A 296 15.14 -7.85 12.12
C VAL A 296 15.80 -6.66 11.43
N SER A 297 16.15 -5.63 12.19
CA SER A 297 16.74 -4.44 11.59
C SER A 297 17.54 -3.61 12.60
N ARG A 298 18.64 -3.03 12.16
CA ARG A 298 19.46 -2.19 13.02
C ARG A 298 19.90 -0.96 12.25
N GLY A 299 19.96 0.17 12.93
CA GLY A 299 20.18 1.42 12.25
C GLY A 299 21.19 2.31 12.94
N ARG A 300 21.55 3.37 12.24
CA ARG A 300 22.38 4.41 12.82
C ARG A 300 22.02 5.72 12.18
N THR A 301 21.93 6.75 13.02
CA THR A 301 21.75 8.11 12.55
C THR A 301 23.04 8.91 12.67
N PHE A 302 23.28 9.76 11.68
CA PHE A 302 24.49 10.57 11.61
C PHE A 302 24.08 12.04 11.69
N PRO A 303 24.93 12.89 12.27
CA PRO A 303 24.58 14.32 12.28
C PRO A 303 24.79 14.97 10.92
N HIS A 304 25.07 14.14 9.91
CA HIS A 304 25.32 14.61 8.56
C HIS A 304 24.76 13.59 7.55
N GLY A 305 24.67 14.00 6.29
CA GLY A 305 24.24 13.10 5.23
C GLY A 305 25.18 11.92 5.08
N ILE A 306 24.67 10.86 4.46
CA ILE A 306 25.41 9.61 4.32
C ILE A 306 25.85 9.43 2.89
N SER A 307 27.17 9.44 2.64
CA SER A 307 27.69 9.22 1.30
C SER A 307 27.64 7.74 0.99
N LYS A 308 27.59 7.38 -0.29
CA LYS A 308 27.50 5.98 -0.66
C LYS A 308 28.58 5.21 0.07
N GLU A 309 29.76 5.82 0.18
CA GLU A 309 30.91 5.14 0.76
C GLU A 309 30.68 4.89 2.25
N THR A 310 30.17 5.89 2.96
CA THR A 310 29.78 5.73 4.37
C THR A 310 28.64 4.71 4.51
N ALA A 311 27.72 4.68 3.56
CA ALA A 311 26.65 3.67 3.58
C ALA A 311 27.25 2.26 3.50
N TYR A 312 28.27 2.08 2.66
CA TYR A 312 28.92 0.78 2.47
C TYR A 312 29.58 0.27 3.75
N SER A 313 30.38 1.10 4.43
CA SER A 313 31.03 0.61 5.64
C SER A 313 30.06 0.46 6.79
N GLU A 314 29.16 1.42 6.96
CA GLU A 314 28.26 1.37 8.11
C GLU A 314 27.32 0.18 8.02
N SER A 315 26.92 -0.17 6.80
CA SER A 315 25.97 -1.26 6.59
C SER A 315 26.53 -2.60 7.02
N VAL A 316 27.83 -2.81 6.78
CA VAL A 316 28.49 -4.04 7.24
C VAL A 316 28.47 -4.11 8.77
N LYS A 317 28.80 -2.99 9.41
CA LYS A 317 28.80 -2.95 10.88
C LYS A 317 27.40 -3.22 11.41
N LEU A 318 26.37 -2.72 10.73
CA LEU A 318 24.99 -2.95 11.16
C LEU A 318 24.57 -4.39 10.89
N LEU A 319 25.06 -4.97 9.79
CA LEU A 319 24.72 -6.35 9.48
C LEU A 319 25.37 -7.25 10.52
N GLN A 320 26.58 -6.89 10.94
CA GLN A 320 27.29 -7.67 11.93
C GLN A 320 26.54 -7.66 13.25
N LYS A 321 26.00 -6.50 13.63
CA LYS A 321 25.22 -6.41 14.85
C LYS A 321 24.02 -7.35 14.76
N ILE A 322 23.39 -7.45 13.59
CA ILE A 322 22.21 -8.31 13.45
C ILE A 322 22.60 -9.79 13.56
N LEU A 323 23.79 -10.14 13.11
CA LEU A 323 24.24 -11.53 13.16
C LEU A 323 24.55 -11.97 14.59
N GLU A 324 25.13 -11.09 15.39
CA GLU A 324 25.35 -11.40 16.81
C GLU A 324 24.02 -11.67 17.47
N GLU A 325 23.17 -10.65 17.41
CA GLU A 325 22.00 -10.53 18.28
C GLU A 325 20.80 -11.36 17.84
N ASP A 326 20.99 -12.21 16.84
CA ASP A 326 19.93 -13.09 16.37
C ASP A 326 20.52 -14.23 15.55
N GLU A 327 20.24 -15.48 15.94
CA GLU A 327 20.95 -16.61 15.34
C GLU A 327 20.23 -17.29 14.19
N ARG A 328 18.99 -16.90 13.91
CA ARG A 328 18.30 -17.41 12.73
C ARG A 328 19.09 -17.05 11.47
N LYS A 329 19.01 -17.89 10.45
CA LYS A 329 19.67 -17.63 9.17
C LYS A 329 18.89 -16.58 8.37
N ILE A 330 19.58 -15.88 7.47
CA ILE A 330 18.95 -14.80 6.71
C ILE A 330 18.52 -15.24 5.31
N ARG A 331 17.32 -14.83 4.93
CA ARG A 331 16.71 -15.18 3.65
C ARG A 331 16.68 -13.99 2.68
N ARG A 332 16.41 -12.80 3.21
CA ARG A 332 16.41 -11.59 2.41
C ARG A 332 17.23 -10.53 3.14
N ILE A 333 17.88 -9.66 2.38
CA ILE A 333 18.73 -8.65 3.00
C ILE A 333 18.61 -7.36 2.23
N GLY A 334 18.57 -6.23 2.94
CA GLY A 334 18.49 -4.95 2.27
C GLY A 334 18.77 -3.81 3.20
N VAL A 335 18.53 -2.60 2.71
CA VAL A 335 18.71 -1.40 3.50
C VAL A 335 17.51 -0.50 3.30
N ARG A 336 17.32 0.42 4.25
CA ARG A 336 16.38 1.53 4.10
C ARG A 336 17.08 2.79 4.56
N PHE A 337 16.78 3.89 3.90
CA PHE A 337 17.37 5.18 4.20
C PHE A 337 16.26 6.14 4.59
N SER A 338 16.54 7.03 5.53
CA SER A 338 15.53 7.97 6.02
C SER A 338 16.16 9.23 6.65
N LYS A 339 15.31 10.04 7.28
CA LYS A 339 15.73 11.30 7.91
C LYS A 339 16.49 12.16 6.90
N PHE A 340 15.82 12.47 5.80
CA PHE A 340 16.43 13.20 4.70
C PHE A 340 16.68 14.66 5.06
N ILE A 341 17.76 15.22 4.53
CA ILE A 341 18.10 16.62 4.75
C ILE A 341 17.05 17.53 4.14
#